data_3U0X
#
_entry.id   3U0X
#
_cell.length_a   122.150
_cell.length_b   151.790
_cell.length_c   72.340
_cell.angle_alpha   90.000
_cell.angle_beta   90.000
_cell.angle_gamma   90.000
#
_symmetry.space_group_name_H-M   'C 2 2 2'
#
loop_
_entity.id
_entity.type
_entity.pdbx_description
1 polymer 'Histo-blood group ABO system transferase'
2 non-polymer 1-(3-phenyl-1,2,4-thiadiazol-5-yl)piperazine
3 non-polymer 'CHLORIDE ION'
4 non-polymer GLYCEROL
5 non-polymer 'SULFATE ION'
6 water water
#
_entity_poly.entity_id   1
_entity_poly.type   'polypeptide(L)'
_entity_poly.pdbx_seq_one_letter_code
;MAIGEFMVSLPRMVYPQPKVLTPCRKDVLVVTPWLAPIVWEGTFNIDILNEQFRLQNTTIGLTVFAIKKYVAFLKLFLET
AEKHFMVGHRVHYYVFTDQPAAVPRVTLGTGRQLSVLEVRAYKRWQDVSMRRMEMISDFCERRFLSEVDYLVCVDVDMEF
RDHVGVEILTPLFGTLHPSFYGSSREAFTYERRPQSQAYIPKDEGDFYYMGAFFGGSVQEVQRLTRACHQAMMVDQANGI
EAVWHDESHLNKYLLRHKPTKVLSPEYLWDQQLLGWPAVLRKLRFTAVPKNHQAVRNP
;
_entity_poly.pdbx_strand_id   A,B
#
# COMPACT_ATOMS: atom_id res chain seq x y z
N ALA A 2 -9.60 -14.11 7.07
CA ALA A 2 -8.85 -14.40 5.84
C ALA A 2 -8.13 -13.17 5.30
N ILE A 3 -7.14 -13.42 4.46
CA ILE A 3 -6.60 -12.39 3.58
C ILE A 3 -6.71 -13.00 2.19
N GLY A 4 -7.40 -12.30 1.29
CA GLY A 4 -7.59 -12.85 -0.04
C GLY A 4 -6.56 -12.43 -1.07
N GLU A 5 -6.27 -13.33 -2.00
CA GLU A 5 -5.40 -12.99 -3.13
C GLU A 5 -6.23 -12.49 -4.30
N PHE A 6 -6.82 -11.31 -4.11
CA PHE A 6 -7.79 -10.76 -5.04
C PHE A 6 -8.22 -9.42 -4.46
N MET A 7 -8.66 -8.51 -5.31
CA MET A 7 -9.21 -7.25 -4.84
C MET A 7 -10.61 -7.53 -4.30
N VAL A 8 -10.90 -7.05 -3.09
CA VAL A 8 -12.25 -7.22 -2.54
CA VAL A 8 -12.24 -7.22 -2.54
C VAL A 8 -13.24 -6.32 -3.27
N SER A 9 -14.42 -6.86 -3.55
CA SER A 9 -15.48 -6.09 -4.19
C SER A 9 -16.41 -5.48 -3.14
N LEU A 10 -16.60 -4.17 -3.21
CA LEU A 10 -17.39 -3.45 -2.21
C LEU A 10 -18.82 -3.21 -2.67
N PRO A 11 -19.77 -3.12 -1.71
CA PRO A 11 -21.14 -2.75 -2.04
C PRO A 11 -21.28 -1.22 -2.20
N ARG A 12 -22.46 -0.77 -2.59
CA ARG A 12 -22.77 0.65 -2.56
C ARG A 12 -22.47 1.27 -1.19
N MET A 13 -21.70 2.35 -1.19
CA MET A 13 -21.45 3.13 0.02
C MET A 13 -21.49 4.61 -0.33
N VAL A 14 -22.07 5.43 0.53
CA VAL A 14 -22.16 6.86 0.27
C VAL A 14 -21.24 7.57 1.27
N TYR A 15 -20.24 8.29 0.77
CA TYR A 15 -19.27 8.95 1.63
C TYR A 15 -18.73 10.15 0.88
N PRO A 16 -18.02 11.06 1.58
CA PRO A 16 -17.55 12.25 0.88
C PRO A 16 -16.53 11.93 -0.21
N GLN A 17 -16.69 12.54 -1.38
CA GLN A 17 -15.78 12.32 -2.50
C GLN A 17 -14.37 12.81 -2.17
N PRO A 18 -13.34 12.00 -2.50
CA PRO A 18 -11.99 12.52 -2.35
C PRO A 18 -11.79 13.67 -3.32
N LYS A 19 -11.01 14.67 -2.93
CA LYS A 19 -10.86 15.86 -3.76
C LYS A 19 -9.39 15.97 -4.17
N VAL A 20 -9.13 15.69 -5.45
CA VAL A 20 -7.77 15.61 -5.98
C VAL A 20 -6.94 16.87 -5.74
N LEU A 21 -7.60 18.04 -5.77
CA LEU A 21 -6.89 19.30 -5.62
C LEU A 21 -6.91 19.86 -4.20
N THR A 22 -7.25 19.01 -3.24
CA THR A 22 -7.15 19.38 -1.83
C THR A 22 -6.28 18.36 -1.08
N PRO A 23 -5.10 18.78 -0.58
CA PRO A 23 -4.29 17.84 0.22
C PRO A 23 -5.06 17.38 1.46
N CYS A 24 -4.87 16.14 1.88
CA CYS A 24 -5.55 15.68 3.10
C CYS A 24 -4.89 16.24 4.35
N ARG A 25 -3.60 16.55 4.25
CA ARG A 25 -2.85 17.20 5.32
C ARG A 25 -1.86 18.15 4.67
N LYS A 26 -1.72 19.35 5.21
CA LYS A 26 -0.77 20.33 4.70
C LYS A 26 0.42 20.48 5.64
N ASP A 27 0.38 19.80 6.76
CA ASP A 27 1.34 20.04 7.83
C ASP A 27 2.28 18.86 8.07
N VAL A 28 1.95 17.70 7.50
CA VAL A 28 2.75 16.49 7.69
C VAL A 28 2.89 15.69 6.40
N LEU A 29 3.91 14.84 6.34
CA LEU A 29 4.12 13.91 5.25
C LEU A 29 3.15 12.75 5.39
N VAL A 30 2.38 12.43 4.34
CA VAL A 30 1.38 11.36 4.45
C VAL A 30 1.70 10.15 3.58
N VAL A 31 2.84 10.21 2.91
CA VAL A 31 3.29 9.07 2.13
C VAL A 31 4.80 9.03 2.11
N THR A 32 5.37 7.85 2.31
CA THR A 32 6.83 7.71 2.30
C THR A 32 7.38 7.75 0.88
N PRO A 33 8.70 7.94 0.74
CA PRO A 33 9.30 7.94 -0.60
C PRO A 33 9.24 6.60 -1.30
N TRP A 34 8.88 5.52 -0.60
CA TRP A 34 8.64 4.24 -1.25
C TRP A 34 7.13 3.97 -1.40
N LEU A 35 6.35 5.05 -1.30
CA LEU A 35 4.91 5.04 -1.55
C LEU A 35 4.11 4.23 -0.52
N ALA A 36 4.57 4.22 0.73
CA ALA A 36 3.78 3.63 1.81
C ALA A 36 3.05 4.76 2.53
N PRO A 37 1.75 4.59 2.80
CA PRO A 37 1.01 5.61 3.54
C PRO A 37 1.57 5.80 4.94
N ILE A 38 1.61 7.05 5.39
CA ILE A 38 1.88 7.37 6.79
C ILE A 38 0.53 7.78 7.40
N VAL A 39 0.09 7.01 8.39
CA VAL A 39 -1.29 7.12 8.84
C VAL A 39 -1.52 8.19 9.89
N TRP A 40 -2.24 9.24 9.50
CA TRP A 40 -2.66 10.31 10.39
C TRP A 40 -4.16 10.47 10.27
N GLU A 41 -4.79 11.02 11.30
CA GLU A 41 -6.21 11.34 11.20
C GLU A 41 -6.41 12.32 10.04
N GLY A 42 -7.36 12.03 9.15
CA GLY A 42 -7.59 12.86 8.00
C GLY A 42 -7.16 12.20 6.69
N THR A 43 -6.31 11.17 6.80
CA THR A 43 -5.83 10.49 5.60
C THR A 43 -6.76 9.38 5.12
N PHE A 44 -7.59 8.85 6.02
CA PHE A 44 -8.40 7.68 5.67
C PHE A 44 -9.89 7.83 5.96
N ASN A 45 -10.70 7.14 5.16
CA ASN A 45 -12.13 7.00 5.44
C ASN A 45 -12.33 5.62 6.06
N ILE A 46 -12.67 5.58 7.34
CA ILE A 46 -12.71 4.30 8.05
C ILE A 46 -13.89 3.43 7.59
N ASP A 47 -14.93 4.05 7.04
CA ASP A 47 -16.07 3.28 6.50
C ASP A 47 -15.61 2.32 5.41
N ILE A 48 -14.83 2.85 4.48
CA ILE A 48 -14.38 2.06 3.35
C ILE A 48 -13.41 0.97 3.81
N LEU A 49 -12.48 1.33 4.68
CA LEU A 49 -11.51 0.35 5.17
C LEU A 49 -12.19 -0.72 6.01
N ASN A 50 -13.13 -0.32 6.88
CA ASN A 50 -13.84 -1.31 7.69
C ASN A 50 -14.49 -2.35 6.79
N GLU A 51 -15.17 -1.88 5.76
CA GLU A 51 -15.86 -2.77 4.84
C GLU A 51 -14.88 -3.69 4.10
N GLN A 52 -13.78 -3.15 3.59
CA GLN A 52 -12.79 -4.00 2.92
C GLN A 52 -12.32 -5.14 3.84
N PHE A 53 -11.99 -4.83 5.08
CA PHE A 53 -11.45 -5.85 5.97
C PHE A 53 -12.52 -6.80 6.51
N ARG A 54 -13.69 -6.25 6.82
CA ARG A 54 -14.80 -7.05 7.33
CA ARG A 54 -14.83 -7.02 7.32
C ARG A 54 -15.25 -8.11 6.33
N LEU A 55 -15.30 -7.74 5.05
CA LEU A 55 -15.74 -8.69 4.01
C LEU A 55 -14.79 -9.87 3.84
N GLN A 56 -13.55 -9.71 4.30
CA GLN A 56 -12.58 -10.80 4.31
C GLN A 56 -12.52 -11.53 5.65
N ASN A 57 -13.41 -11.16 6.56
CA ASN A 57 -13.43 -11.72 7.90
C ASN A 57 -12.06 -11.66 8.56
N THR A 58 -11.47 -10.47 8.56
CA THR A 58 -10.14 -10.26 9.09
C THR A 58 -10.06 -10.49 10.59
N THR A 59 -9.07 -11.30 10.99
CA THR A 59 -8.79 -11.55 12.40
C THR A 59 -7.44 -10.94 12.76
N ILE A 60 -7.42 -10.17 13.86
CA ILE A 60 -6.19 -9.49 14.26
C ILE A 60 -5.71 -10.05 15.61
N GLY A 61 -4.49 -10.58 15.64
CA GLY A 61 -3.88 -11.00 16.88
C GLY A 61 -3.19 -9.81 17.52
N LEU A 62 -3.25 -9.73 18.83
CA LEU A 62 -2.59 -8.67 19.59
C LEU A 62 -1.78 -9.32 20.70
N THR A 63 -0.45 -9.17 20.64
CA THR A 63 0.43 -9.75 21.67
C THR A 63 0.87 -8.70 22.69
N VAL A 64 0.94 -9.13 23.96
CA VAL A 64 1.54 -8.34 25.02
C VAL A 64 2.30 -9.26 25.94
N PHE A 65 3.39 -8.76 26.50
CA PHE A 65 4.12 -9.48 27.53
C PHE A 65 3.84 -8.83 28.87
N ALA A 66 3.24 -9.59 29.78
CA ALA A 66 2.88 -9.08 31.09
C ALA A 66 3.58 -9.92 32.13
N ILE A 67 4.85 -9.60 32.37
CA ILE A 67 5.67 -10.35 33.30
C ILE A 67 5.77 -9.65 34.66
N LYS A 68 5.81 -10.45 35.72
CA LYS A 68 5.95 -9.92 37.08
C LYS A 68 4.93 -8.83 37.36
N LYS A 69 5.39 -7.65 37.79
CA LYS A 69 4.48 -6.59 38.19
C LYS A 69 3.64 -6.02 37.04
N TYR A 70 4.09 -6.24 35.81
CA TYR A 70 3.37 -5.74 34.62
C TYR A 70 1.99 -6.37 34.40
N VAL A 71 1.70 -7.46 35.12
CA VAL A 71 0.39 -8.08 35.03
CA VAL A 71 0.39 -8.09 35.03
C VAL A 71 -0.69 -7.12 35.53
N ALA A 72 -0.30 -6.19 36.39
CA ALA A 72 -1.22 -5.18 36.93
C ALA A 72 -1.82 -4.27 35.85
N PHE A 73 -1.14 -4.16 34.71
CA PHE A 73 -1.64 -3.30 33.63
C PHE A 73 -2.71 -3.95 32.76
N LEU A 74 -2.89 -5.27 32.90
CA LEU A 74 -3.75 -6.01 31.97
C LEU A 74 -5.21 -5.57 31.93
N LYS A 75 -5.81 -5.31 33.08
CA LYS A 75 -7.24 -4.98 33.10
C LYS A 75 -7.52 -3.70 32.32
N LEU A 76 -6.75 -2.65 32.58
CA LEU A 76 -6.94 -1.38 31.87
C LEU A 76 -6.67 -1.56 30.38
N PHE A 77 -5.58 -2.26 30.06
CA PHE A 77 -5.20 -2.50 28.67
C PHE A 77 -6.33 -3.21 27.91
N LEU A 78 -6.81 -4.32 28.46
CA LEU A 78 -7.84 -5.14 27.82
C LEU A 78 -9.18 -4.42 27.76
N GLU A 79 -9.57 -3.75 28.83
CA GLU A 79 -10.87 -3.07 28.83
C GLU A 79 -10.90 -1.90 27.85
N THR A 80 -9.78 -1.20 27.71
CA THR A 80 -9.76 -0.11 26.72
C THR A 80 -9.62 -0.66 25.29
N ALA A 81 -8.90 -1.77 25.12
CA ALA A 81 -8.85 -2.39 23.79
C ALA A 81 -10.23 -2.83 23.33
N GLU A 82 -11.07 -3.30 24.25
CA GLU A 82 -12.44 -3.66 23.90
C GLU A 82 -13.22 -2.45 23.42
N LYS A 83 -12.86 -1.26 23.89
CA LYS A 83 -13.56 -0.04 23.51
C LYS A 83 -13.06 0.58 22.21
N HIS A 84 -11.79 0.36 21.87
CA HIS A 84 -11.15 1.14 20.82
C HIS A 84 -10.27 0.38 19.84
N PHE A 85 -9.95 -0.88 20.12
CA PHE A 85 -9.05 -1.61 19.25
C PHE A 85 -9.81 -2.56 18.31
N MET A 86 -9.77 -2.25 17.01
CA MET A 86 -10.37 -3.09 15.98
C MET A 86 -11.84 -3.42 16.28
N VAL A 87 -12.57 -2.46 16.85
CA VAL A 87 -13.98 -2.72 17.15
C VAL A 87 -14.74 -3.03 15.84
N GLY A 88 -15.50 -4.12 15.84
CA GLY A 88 -16.26 -4.53 14.66
C GLY A 88 -15.57 -5.65 13.90
N HIS A 89 -14.37 -6.00 14.36
CA HIS A 89 -13.58 -7.06 13.73
C HIS A 89 -13.21 -8.15 14.72
N ARG A 90 -12.74 -9.29 14.20
CA ARG A 90 -12.29 -10.38 15.07
C ARG A 90 -10.91 -10.09 15.67
N VAL A 91 -10.78 -10.32 16.97
CA VAL A 91 -9.52 -10.04 17.67
C VAL A 91 -9.14 -11.21 18.53
N HIS A 92 -7.87 -11.62 18.47
CA HIS A 92 -7.40 -12.66 19.37
C HIS A 92 -6.27 -12.06 20.21
N TYR A 93 -6.51 -11.89 21.52
CA TYR A 93 -5.46 -11.41 22.42
C TYR A 93 -4.57 -12.56 22.84
N TYR A 94 -3.26 -12.33 22.78
CA TYR A 94 -2.30 -13.30 23.28
C TYR A 94 -1.50 -12.66 24.41
N VAL A 95 -1.78 -13.11 25.63
CA VAL A 95 -1.11 -12.57 26.81
C VAL A 95 0.01 -13.51 27.26
N PHE A 96 1.25 -13.09 27.02
CA PHE A 96 2.42 -13.84 27.48
C PHE A 96 2.67 -13.46 28.95
N THR A 97 2.55 -14.40 29.87
CA THR A 97 2.73 -14.07 31.29
C THR A 97 3.34 -15.20 32.11
N ASP A 98 3.95 -14.85 33.23
CA ASP A 98 4.44 -15.84 34.18
C ASP A 98 3.45 -16.06 35.30
N GLN A 99 2.32 -15.35 35.25
CA GLN A 99 1.29 -15.47 36.28
C GLN A 99 -0.10 -15.63 35.68
N PRO A 100 -0.38 -16.80 35.08
CA PRO A 100 -1.68 -17.06 34.45
C PRO A 100 -2.84 -16.73 35.38
N ALA A 101 -2.68 -17.02 36.67
CA ALA A 101 -3.77 -16.81 37.62
C ALA A 101 -4.06 -15.33 37.87
N ALA A 102 -3.10 -14.46 37.57
CA ALA A 102 -3.32 -13.03 37.80
C ALA A 102 -3.97 -12.33 36.61
N VAL A 103 -4.19 -13.04 35.51
CA VAL A 103 -4.84 -12.44 34.36
C VAL A 103 -6.29 -12.13 34.73
N PRO A 104 -6.71 -10.86 34.56
CA PRO A 104 -8.05 -10.46 34.99
C PRO A 104 -9.17 -11.07 34.15
N ARG A 105 -10.33 -11.24 34.77
CA ARG A 105 -11.54 -11.66 34.07
C ARG A 105 -12.16 -10.43 33.42
N VAL A 106 -12.19 -10.40 32.09
CA VAL A 106 -12.72 -9.26 31.35
CA VAL A 106 -12.76 -9.26 31.39
C VAL A 106 -13.79 -9.71 30.36
N THR A 107 -14.87 -8.93 30.25
CA THR A 107 -15.92 -9.23 29.31
C THR A 107 -15.49 -8.87 27.89
N LEU A 108 -15.56 -9.86 26.99
CA LEU A 108 -15.11 -9.66 25.60
C LEU A 108 -16.28 -9.67 24.64
N GLY A 109 -16.21 -8.86 23.59
CA GLY A 109 -17.26 -8.83 22.59
C GLY A 109 -17.26 -10.08 21.73
N THR A 110 -18.31 -10.25 20.94
CA THR A 110 -18.38 -11.39 20.03
C THR A 110 -17.22 -11.36 19.04
N GLY A 111 -16.65 -12.53 18.79
CA GLY A 111 -15.55 -12.64 17.84
C GLY A 111 -14.22 -12.20 18.43
N ARG A 112 -14.19 -11.97 19.74
CA ARG A 112 -12.97 -11.58 20.43
C ARG A 112 -12.61 -12.62 21.49
N GLN A 113 -11.36 -13.06 21.46
CA GLN A 113 -10.93 -14.16 22.31
C GLN A 113 -9.61 -13.81 22.99
N LEU A 114 -9.40 -14.36 24.18
CA LEU A 114 -8.13 -14.18 24.87
C LEU A 114 -7.47 -15.53 25.15
N SER A 115 -6.19 -15.64 24.79
CA SER A 115 -5.41 -16.81 25.16
C SER A 115 -4.27 -16.41 26.09
N VAL A 116 -4.05 -17.21 27.12
CA VAL A 116 -2.93 -16.97 28.03
C VAL A 116 -1.78 -17.91 27.69
N LEU A 117 -0.63 -17.32 27.39
CA LEU A 117 0.57 -18.10 27.06
C LEU A 117 1.56 -18.03 28.21
N GLU A 118 1.75 -19.16 28.88
CA GLU A 118 2.64 -19.20 30.04
C GLU A 118 4.10 -19.23 29.61
N VAL A 119 4.89 -18.30 30.10
CA VAL A 119 6.29 -18.18 29.68
C VAL A 119 7.17 -19.19 30.42
N TRP A 125 19.73 -17.86 29.87
CA TRP A 125 20.74 -17.98 28.82
C TRP A 125 20.71 -16.77 27.88
N GLN A 126 19.70 -15.92 28.03
CA GLN A 126 19.58 -14.71 27.23
C GLN A 126 18.76 -13.66 27.97
N ASP A 127 18.91 -12.39 27.58
CA ASP A 127 18.18 -11.30 28.21
C ASP A 127 16.74 -11.25 27.71
N VAL A 128 15.93 -10.38 28.32
CA VAL A 128 14.50 -10.36 28.06
C VAL A 128 14.13 -9.92 26.65
N SER A 129 14.76 -8.87 26.14
CA SER A 129 14.38 -8.35 24.81
C SER A 129 14.59 -9.41 23.74
N MET A 130 15.68 -10.16 23.86
CA MET A 130 15.93 -11.27 22.94
C MET A 130 14.79 -12.27 23.08
N ARG A 131 14.41 -12.52 24.33
CA ARG A 131 13.38 -13.50 24.64
C ARG A 131 12.07 -13.11 23.96
N ARG A 132 11.75 -11.82 23.96
CA ARG A 132 10.49 -11.37 23.38
C ARG A 132 10.43 -11.58 21.86
N MET A 133 11.49 -11.18 21.16
CA MET A 133 11.57 -11.45 19.73
C MET A 133 11.51 -12.96 19.46
N GLU A 134 12.28 -13.72 20.22
CA GLU A 134 12.29 -15.18 20.03
C GLU A 134 10.91 -15.77 20.27
N MET A 135 10.27 -15.35 21.36
CA MET A 135 8.95 -15.90 21.70
C MET A 135 7.88 -15.58 20.66
N ILE A 136 7.85 -14.35 20.16
CA ILE A 136 6.86 -14.00 19.14
C ILE A 136 7.10 -14.83 17.88
N SER A 137 8.36 -14.94 17.47
CA SER A 137 8.70 -15.69 16.28
C SER A 137 8.32 -17.17 16.44
N ASP A 138 8.62 -17.73 17.60
CA ASP A 138 8.32 -19.13 17.88
C ASP A 138 6.81 -19.38 17.87
N PHE A 139 6.05 -18.46 18.44
CA PHE A 139 4.60 -18.63 18.51
C PHE A 139 3.88 -18.35 17.20
N CYS A 140 4.52 -17.58 16.32
CA CYS A 140 4.02 -17.46 14.96
C CYS A 140 3.93 -18.85 14.34
N GLU A 141 5.01 -19.62 14.47
CA GLU A 141 5.08 -20.97 13.95
C GLU A 141 4.10 -21.89 14.67
N ARG A 142 4.06 -21.80 16.00
CA ARG A 142 3.25 -22.71 16.81
C ARG A 142 1.74 -22.48 16.70
N ARG A 143 1.32 -21.23 16.55
CA ARG A 143 -0.09 -20.88 16.66
C ARG A 143 -0.58 -19.75 15.76
N PHE A 144 0.16 -18.64 15.73
CA PHE A 144 -0.40 -17.43 15.13
C PHE A 144 -0.70 -17.60 13.64
N LEU A 145 0.19 -18.29 12.92
CA LEU A 145 0.00 -18.48 11.48
C LEU A 145 -1.36 -19.10 11.14
N SER A 146 -1.85 -19.99 12.01
CA SER A 146 -3.10 -20.67 11.73
C SER A 146 -4.29 -19.94 12.32
N GLU A 147 -4.05 -19.05 13.27
CA GLU A 147 -5.16 -18.48 14.03
C GLU A 147 -5.57 -17.07 13.63
N VAL A 148 -4.65 -16.29 13.07
CA VAL A 148 -4.94 -14.88 12.77
C VAL A 148 -4.35 -14.43 11.45
N ASP A 149 -4.83 -13.31 10.94
CA ASP A 149 -4.39 -12.79 9.65
C ASP A 149 -3.24 -11.81 9.82
N TYR A 150 -3.36 -10.95 10.82
CA TYR A 150 -2.35 -9.93 11.09
C TYR A 150 -1.95 -10.06 12.54
N LEU A 151 -0.72 -9.70 12.86
CA LEU A 151 -0.28 -9.71 14.24
C LEU A 151 0.19 -8.33 14.60
N VAL A 152 -0.21 -7.86 15.78
CA VAL A 152 0.17 -6.55 16.26
C VAL A 152 0.82 -6.75 17.61
N CYS A 153 1.99 -6.15 17.80
CA CYS A 153 2.80 -6.43 18.97
C CYS A 153 3.01 -5.14 19.72
N VAL A 154 2.53 -5.06 20.97
CA VAL A 154 2.64 -3.81 21.73
C VAL A 154 3.05 -4.02 23.17
N ASP A 155 3.40 -2.92 23.83
CA ASP A 155 3.64 -2.92 25.28
C ASP A 155 2.32 -2.95 26.05
N VAL A 156 2.33 -3.58 27.22
CA VAL A 156 1.13 -3.71 28.01
C VAL A 156 0.81 -2.48 28.89
N ASP A 157 1.83 -1.67 29.19
CA ASP A 157 1.63 -0.52 30.07
C ASP A 157 1.10 0.67 29.27
N MET A 158 -0.09 0.45 28.70
CA MET A 158 -0.66 1.32 27.69
C MET A 158 -2.17 1.27 27.81
N GLU A 159 -2.83 2.33 27.35
CA GLU A 159 -4.29 2.31 27.25
C GLU A 159 -4.73 2.89 25.91
N PHE A 160 -5.78 2.31 25.35
CA PHE A 160 -6.37 2.83 24.12
C PHE A 160 -7.35 3.96 24.47
N ARG A 161 -7.01 5.19 24.09
CA ARG A 161 -7.84 6.36 24.39
C ARG A 161 -8.74 6.73 23.22
N ASP A 162 -8.45 6.21 22.05
CA ASP A 162 -9.18 6.60 20.86
C ASP A 162 -9.00 5.51 19.80
N HIS A 163 -9.68 5.67 18.68
CA HIS A 163 -9.70 4.65 17.64
C HIS A 163 -8.31 4.14 17.23
N VAL A 164 -8.13 2.82 17.30
CA VAL A 164 -7.02 2.12 16.64
C VAL A 164 -7.62 0.95 15.86
N GLY A 165 -7.68 1.09 14.54
CA GLY A 165 -8.43 0.13 13.73
C GLY A 165 -7.71 -0.36 12.49
N VAL A 166 -8.49 -0.84 11.52
CA VAL A 166 -7.92 -1.57 10.38
C VAL A 166 -7.09 -0.69 9.45
N GLU A 167 -7.16 0.63 9.62
CA GLU A 167 -6.27 1.54 8.89
C GLU A 167 -4.80 1.18 9.07
N ILE A 168 -4.45 0.49 10.15
CA ILE A 168 -3.03 0.17 10.36
C ILE A 168 -2.60 -1.11 9.65
N LEU A 169 -3.56 -1.90 9.18
CA LEU A 169 -3.25 -3.25 8.72
C LEU A 169 -2.65 -3.25 7.31
N THR A 170 -1.63 -4.08 7.12
CA THR A 170 -0.77 -4.02 5.95
C THR A 170 0.28 -5.13 6.14
N PRO A 171 1.02 -5.49 5.08
CA PRO A 171 2.01 -6.57 5.30
C PRO A 171 3.04 -6.28 6.40
N LEU A 172 3.54 -5.05 6.50
CA LEU A 172 4.52 -4.73 7.54
C LEU A 172 4.40 -3.26 7.92
N PHE A 173 4.27 -2.97 9.22
CA PHE A 173 4.28 -1.58 9.69
C PHE A 173 5.14 -1.33 10.91
N GLY A 174 5.68 -0.12 11.00
CA GLY A 174 6.29 0.36 12.21
C GLY A 174 5.62 1.66 12.58
N THR A 175 5.99 2.21 13.73
CA THR A 175 5.33 3.41 14.26
C THR A 175 6.38 4.46 14.56
N LEU A 176 6.15 5.72 14.18
CA LEU A 176 7.10 6.80 14.47
C LEU A 176 7.24 7.02 15.98
N HIS A 177 8.48 6.95 16.48
CA HIS A 177 8.77 7.20 17.88
C HIS A 177 8.44 8.66 18.21
N PRO A 178 7.74 8.89 19.32
CA PRO A 178 7.31 10.26 19.66
C PRO A 178 8.44 11.27 19.90
N SER A 179 9.63 10.82 20.27
CA SER A 179 10.73 11.75 20.54
C SER A 179 11.42 12.24 19.28
N PHE A 180 11.23 11.53 18.17
CA PHE A 180 12.08 11.70 17.01
C PHE A 180 11.38 12.03 15.69
N TYR A 181 10.04 12.12 15.69
CA TYR A 181 9.33 12.26 14.43
C TYR A 181 9.73 13.54 13.68
N GLY A 182 10.18 14.55 14.41
CA GLY A 182 10.60 15.79 13.80
C GLY A 182 12.12 15.95 13.69
N SER A 183 12.85 14.88 13.95
CA SER A 183 14.31 14.98 14.03
C SER A 183 15.03 14.55 12.76
N SER A 184 16.21 15.08 12.53
CA SER A 184 17.06 14.62 11.42
CA SER A 184 17.04 14.62 11.42
C SER A 184 17.69 13.28 11.78
N ARG A 185 18.03 12.50 10.76
CA ARG A 185 18.57 11.15 10.98
C ARG A 185 19.80 11.12 11.89
N GLU A 186 20.63 12.16 11.83
CA GLU A 186 21.83 12.22 12.66
C GLU A 186 21.50 12.24 14.16
N ALA A 187 20.31 12.72 14.50
CA ALA A 187 19.87 12.78 15.90
C ALA A 187 19.21 11.48 16.38
N PHE A 188 18.85 10.60 15.45
CA PHE A 188 18.24 9.32 15.81
C PHE A 188 19.19 8.49 16.68
N THR A 189 18.65 7.90 17.75
CA THR A 189 19.49 7.07 18.63
C THR A 189 19.64 5.63 18.11
N TYR A 190 19.93 5.49 16.81
CA TYR A 190 20.25 4.18 16.24
C TYR A 190 21.49 3.63 16.95
N GLU A 191 21.68 2.31 16.92
CA GLU A 191 22.97 1.73 17.31
C GLU A 191 24.03 2.22 16.33
N ARG A 192 25.07 2.88 16.83
CA ARG A 192 26.11 3.46 15.96
C ARG A 192 27.44 2.68 15.92
N ARG A 193 27.55 1.62 16.70
CA ARG A 193 28.78 0.80 16.69
C ARG A 193 28.77 -0.17 15.52
N PRO A 194 29.79 -0.09 14.64
CA PRO A 194 29.82 -0.96 13.47
C PRO A 194 29.97 -2.43 13.86
N GLN A 195 30.37 -2.69 15.10
CA GLN A 195 30.49 -4.06 15.60
C GLN A 195 29.13 -4.75 15.81
N SER A 196 28.07 -3.95 15.95
CA SER A 196 26.71 -4.48 16.15
C SER A 196 25.98 -4.81 14.84
N GLN A 197 25.23 -5.90 14.83
CA GLN A 197 24.36 -6.22 13.69
C GLN A 197 23.27 -5.17 13.50
N ALA A 198 23.03 -4.34 14.52
CA ALA A 198 22.00 -3.28 14.45
C ALA A 198 22.56 -1.95 13.93
N TYR A 199 23.84 -1.91 13.64
CA TYR A 199 24.53 -0.70 13.15
C TYR A 199 23.83 0.02 12.00
N ILE A 200 23.60 1.32 12.19
CA ILE A 200 23.16 2.20 11.12
C ILE A 200 24.05 3.44 11.17
N PRO A 201 24.75 3.73 10.06
CA PRO A 201 25.64 4.90 10.06
C PRO A 201 24.86 6.19 9.93
N LYS A 202 25.56 7.31 10.16
CA LYS A 202 24.92 8.62 10.23
C LYS A 202 24.23 9.06 8.93
N ASP A 203 24.65 8.50 7.80
CA ASP A 203 24.10 8.89 6.49
C ASP A 203 22.94 8.00 6.03
N GLU A 204 22.48 7.12 6.91
CA GLU A 204 21.34 6.25 6.57
C GLU A 204 20.21 6.39 7.58
N GLY A 205 19.03 5.97 7.17
CA GLY A 205 17.88 6.01 8.05
C GLY A 205 16.74 6.85 7.48
N ASP A 206 15.52 6.31 7.57
CA ASP A 206 14.34 7.06 7.13
C ASP A 206 13.67 7.68 8.33
N PHE A 207 13.33 6.83 9.29
CA PHE A 207 12.62 7.25 10.49
C PHE A 207 13.17 6.51 11.69
N TYR A 208 12.84 6.99 12.88
CA TYR A 208 13.15 6.23 14.09
C TYR A 208 11.86 5.59 14.58
N TYR A 209 11.78 4.27 14.47
CA TYR A 209 10.55 3.58 14.85
C TYR A 209 10.60 3.18 16.32
N MET A 210 9.45 3.14 16.99
CA MET A 210 9.44 2.72 18.41
C MET A 210 9.21 1.23 18.53
N GLY A 211 9.93 0.61 19.45
CA GLY A 211 9.85 -0.84 19.62
C GLY A 211 8.54 -1.30 20.25
N ALA A 212 7.75 -0.36 20.77
CA ALA A 212 6.51 -0.70 21.50
C ALA A 212 5.23 -0.86 20.66
N PHE A 213 5.35 -0.76 19.33
CA PHE A 213 4.18 -0.91 18.46
C PHE A 213 4.64 -1.21 17.05
N PHE A 214 4.59 -2.48 16.64
CA PHE A 214 4.84 -2.85 15.26
C PHE A 214 3.96 -4.04 14.92
N GLY A 215 3.90 -4.42 13.65
CA GLY A 215 3.03 -5.52 13.27
C GLY A 215 3.01 -5.73 11.77
N GLY A 216 2.02 -6.50 11.31
CA GLY A 216 1.93 -6.81 9.89
C GLY A 216 1.28 -8.16 9.72
N SER A 217 1.39 -8.75 8.54
CA SER A 217 0.89 -10.11 8.34
C SER A 217 1.66 -11.04 9.27
N VAL A 218 1.08 -12.18 9.64
CA VAL A 218 1.82 -13.06 10.54
C VAL A 218 3.17 -13.48 9.95
N GLN A 219 3.21 -13.77 8.65
CA GLN A 219 4.46 -14.21 8.06
C GLN A 219 5.54 -13.12 8.07
N GLU A 220 5.15 -11.87 7.85
CA GLU A 220 6.13 -10.78 7.87
C GLU A 220 6.61 -10.52 9.30
N VAL A 221 5.71 -10.61 10.26
CA VAL A 221 6.11 -10.43 11.66
C VAL A 221 7.02 -11.58 12.10
N GLN A 222 6.74 -12.79 11.63
CA GLN A 222 7.60 -13.92 11.96
C GLN A 222 9.00 -13.67 11.39
N ARG A 223 9.08 -13.18 10.15
CA ARG A 223 10.37 -12.90 9.52
C ARG A 223 11.15 -11.85 10.28
N LEU A 224 10.44 -10.79 10.68
CA LEU A 224 11.06 -9.66 11.37
C LEU A 224 11.59 -10.10 12.73
N THR A 225 10.76 -10.80 13.49
CA THR A 225 11.16 -11.20 14.84
C THR A 225 12.26 -12.25 14.80
N ARG A 226 12.21 -13.15 13.84
CA ARG A 226 13.29 -14.13 13.68
C ARG A 226 14.60 -13.43 13.32
N ALA A 227 14.52 -12.49 12.38
CA ALA A 227 15.73 -11.80 11.93
C ALA A 227 16.35 -11.03 13.10
N CYS A 228 15.50 -10.34 13.86
CA CYS A 228 15.97 -9.57 15.00
C CYS A 228 16.59 -10.48 16.06
N HIS A 229 15.95 -11.60 16.32
CA HIS A 229 16.50 -12.53 17.30
C HIS A 229 17.85 -13.08 16.85
N GLN A 230 17.95 -13.48 15.58
CA GLN A 230 19.23 -13.99 15.08
C GLN A 230 20.33 -12.92 15.16
N ALA A 231 19.98 -11.67 14.88
CA ALA A 231 20.94 -10.57 14.94
C ALA A 231 21.39 -10.31 16.39
N MET A 232 20.45 -10.41 17.32
CA MET A 232 20.77 -10.25 18.74
C MET A 232 21.68 -11.37 19.23
N MET A 233 21.49 -12.57 18.69
CA MET A 233 22.37 -13.69 19.08
C MET A 233 23.80 -13.50 18.58
N VAL A 234 23.94 -12.91 17.39
CA VAL A 234 25.27 -12.59 16.89
C VAL A 234 25.93 -11.50 17.74
N ASP A 235 25.20 -10.43 18.03
CA ASP A 235 25.69 -9.44 19.00
C ASP A 235 26.07 -10.09 20.33
N GLN A 236 25.22 -10.95 20.84
CA GLN A 236 25.49 -11.61 22.12
C GLN A 236 26.83 -12.33 22.12
N ALA A 237 27.11 -13.06 21.03
CA ALA A 237 28.37 -13.79 20.90
C ALA A 237 29.57 -12.86 21.09
N ASN A 238 29.41 -11.64 20.57
CA ASN A 238 30.44 -10.62 20.61
C ASN A 238 30.34 -9.71 21.82
N GLY A 239 29.50 -10.06 22.79
CA GLY A 239 29.39 -9.31 24.03
C GLY A 239 28.78 -7.94 23.84
N ILE A 240 28.08 -7.75 22.71
CA ILE A 240 27.47 -6.47 22.38
C ILE A 240 26.00 -6.46 22.73
N GLU A 241 25.56 -5.39 23.38
CA GLU A 241 24.15 -5.16 23.63
C GLU A 241 23.77 -3.84 22.97
N ALA A 242 22.93 -3.90 21.94
CA ALA A 242 22.54 -2.69 21.21
C ALA A 242 21.96 -1.64 22.14
N VAL A 243 22.27 -0.37 21.86
CA VAL A 243 21.95 0.73 22.76
C VAL A 243 20.50 0.71 23.22
N TRP A 244 19.56 0.45 22.31
CA TRP A 244 18.15 0.33 22.67
C TRP A 244 17.57 -1.06 22.42
N HIS A 245 18.43 -2.07 22.56
CA HIS A 245 17.97 -3.46 22.60
C HIS A 245 17.14 -3.83 21.39
N ASP A 246 15.96 -4.42 21.58
CA ASP A 246 15.19 -4.85 20.42
C ASP A 246 14.76 -3.71 19.50
N GLU A 247 14.56 -2.52 20.06
CA GLU A 247 14.19 -1.38 19.24
C GLU A 247 15.30 -1.02 18.24
N SER A 248 16.55 -1.17 18.66
CA SER A 248 17.69 -0.91 17.77
C SER A 248 17.66 -1.87 16.60
N HIS A 249 17.37 -3.14 16.87
CA HIS A 249 17.33 -4.14 15.82
C HIS A 249 16.10 -3.98 14.92
N LEU A 250 14.97 -3.62 15.53
CA LEU A 250 13.78 -3.30 14.77
C LEU A 250 14.09 -2.19 13.75
N ASN A 251 14.81 -1.16 14.19
CA ASN A 251 15.13 -0.07 13.28
C ASN A 251 16.01 -0.50 12.13
N LYS A 252 16.97 -1.38 12.41
CA LYS A 252 17.84 -1.90 11.36
C LYS A 252 17.03 -2.69 10.34
N TYR A 253 16.13 -3.54 10.84
CA TYR A 253 15.33 -4.37 9.96
C TYR A 253 14.43 -3.52 9.06
N LEU A 254 13.74 -2.55 9.66
CA LEU A 254 12.82 -1.70 8.88
C LEU A 254 13.55 -0.73 7.96
N LEU A 255 14.84 -0.50 8.21
CA LEU A 255 15.64 0.27 7.26
C LEU A 255 15.83 -0.54 5.96
N ARG A 256 16.13 -1.83 6.11
CA ARG A 256 16.45 -2.66 4.96
C ARG A 256 15.21 -3.31 4.33
N HIS A 257 14.12 -3.41 5.11
CA HIS A 257 12.86 -3.97 4.64
C HIS A 257 11.79 -2.89 4.87
N LYS A 258 11.51 -2.07 3.85
CA LYS A 258 10.66 -0.91 4.07
C LYS A 258 9.24 -1.31 4.47
N PRO A 259 8.73 -0.71 5.53
CA PRO A 259 7.34 -1.00 5.94
C PRO A 259 6.31 -0.53 4.90
N THR A 260 5.22 -1.28 4.76
CA THR A 260 4.20 -0.96 3.77
C THR A 260 3.18 0.06 4.27
N LYS A 261 3.14 0.30 5.59
CA LYS A 261 2.52 1.51 6.15
C LYS A 261 3.42 1.97 7.30
N VAL A 262 3.37 3.27 7.62
CA VAL A 262 4.03 3.82 8.82
C VAL A 262 2.98 4.53 9.67
N LEU A 263 2.90 4.21 10.96
CA LEU A 263 1.93 4.88 11.83
C LEU A 263 2.51 6.15 12.41
N SER A 264 1.73 7.23 12.40
CA SER A 264 2.18 8.48 13.02
C SER A 264 2.18 8.33 14.54
N PRO A 265 2.77 9.31 15.25
CA PRO A 265 2.82 9.26 16.72
C PRO A 265 1.44 9.36 17.41
N GLU A 266 0.36 9.63 16.67
CA GLU A 266 -0.98 9.44 17.24
C GLU A 266 -1.12 8.05 17.87
N TYR A 267 -0.39 7.08 17.31
CA TYR A 267 -0.53 5.67 17.72
C TYR A 267 0.36 5.24 18.89
N LEU A 268 1.21 6.14 19.37
CA LEU A 268 2.09 5.81 20.49
CA LEU A 268 2.07 5.81 20.49
C LEU A 268 2.57 7.11 21.11
N TRP A 269 1.97 7.49 22.23
CA TRP A 269 2.25 8.81 22.78
C TRP A 269 2.34 8.77 24.29
N ASP A 270 2.98 9.78 24.87
CA ASP A 270 3.01 9.96 26.32
C ASP A 270 2.84 11.44 26.60
N GLN A 271 1.62 11.85 26.95
CA GLN A 271 1.30 13.27 27.10
C GLN A 271 2.00 13.93 28.29
N GLN A 272 2.22 13.16 29.36
CA GLN A 272 2.93 13.72 30.53
C GLN A 272 4.35 14.16 30.16
N LEU A 273 4.98 13.42 29.26
CA LEU A 273 6.34 13.75 28.82
C LEU A 273 6.40 14.77 27.69
N LEU A 274 5.45 14.72 26.76
CA LEU A 274 5.59 15.48 25.52
C LEU A 274 4.46 16.47 25.25
N GLY A 275 3.49 16.54 26.14
CA GLY A 275 2.37 17.44 25.94
C GLY A 275 1.48 16.98 24.80
N TRP A 276 0.86 17.93 24.11
CA TRP A 276 -0.04 17.62 23.01
C TRP A 276 0.23 18.61 21.87
N PRO A 277 1.20 18.29 21.00
CA PRO A 277 1.54 19.15 19.85
C PRO A 277 0.39 19.22 18.85
N ALA A 278 0.31 20.35 18.15
CA ALA A 278 -0.78 20.61 17.22
C ALA A 278 -0.86 19.58 16.09
N VAL A 279 0.27 18.95 15.76
CA VAL A 279 0.27 17.98 14.65
CA VAL A 279 0.30 17.98 14.67
C VAL A 279 -0.54 16.74 14.96
N LEU A 280 -0.85 16.51 16.23
CA LEU A 280 -1.64 15.34 16.64
C LEU A 280 -3.11 15.72 16.81
N ARG A 281 -3.98 15.21 15.94
CA ARG A 281 -5.43 15.45 16.07
C ARG A 281 -6.03 14.54 17.11
N LYS A 282 -5.43 13.36 17.28
CA LYS A 282 -5.92 12.39 18.25
C LYS A 282 -4.75 11.79 18.99
N LEU A 283 -4.94 11.49 20.28
CA LEU A 283 -3.98 10.66 21.01
C LEU A 283 -4.63 9.30 21.20
N ARG A 284 -4.22 8.32 20.41
CA ARG A 284 -4.99 7.08 20.31
C ARG A 284 -4.60 6.03 21.34
N PHE A 285 -3.31 5.98 21.67
CA PHE A 285 -2.75 4.84 22.39
C PHE A 285 -1.61 5.42 23.21
N THR A 286 -1.77 5.41 24.52
CA THR A 286 -0.93 6.24 25.38
C THR A 286 -0.36 5.48 26.56
N ALA A 287 0.79 5.93 27.03
CA ALA A 287 1.46 5.27 28.14
C ALA A 287 0.66 5.41 29.42
N VAL A 288 0.69 4.37 30.26
CA VAL A 288 -0.01 4.38 31.53
C VAL A 288 1.00 4.45 32.67
N PRO A 289 0.83 5.43 33.57
CA PRO A 289 1.75 5.56 34.71
C PRO A 289 1.66 4.37 35.65
N LYS A 290 2.79 4.06 36.27
CA LYS A 290 2.94 2.92 37.16
C LYS A 290 1.86 2.83 38.25
N ASN A 291 1.44 3.95 38.80
CA ASN A 291 0.48 3.92 39.89
C ASN A 291 -0.93 4.45 39.54
N HIS A 292 -1.27 4.37 38.25
CA HIS A 292 -2.60 4.75 37.77
C HIS A 292 -3.67 4.03 38.60
N GLN A 293 -4.79 4.69 38.84
CA GLN A 293 -5.82 4.16 39.72
C GLN A 293 -6.40 2.82 39.25
N ALA A 294 -6.34 2.56 37.95
CA ALA A 294 -6.89 1.33 37.39
C ALA A 294 -5.84 0.23 37.33
N VAL A 295 -4.64 0.52 37.83
CA VAL A 295 -3.55 -0.43 37.74
C VAL A 295 -3.29 -0.99 39.14
N ARG A 296 -3.51 -2.30 39.28
CA ARG A 296 -3.60 -2.93 40.59
C ARG A 296 -3.03 -4.35 40.53
N ALA B 2 9.68 -11.73 -11.35
CA ALA B 2 8.66 -12.37 -10.54
C ALA B 2 8.00 -11.39 -9.56
N ILE B 3 6.98 -11.87 -8.84
CA ILE B 3 6.41 -11.09 -7.74
C ILE B 3 6.51 -11.88 -6.43
N GLY B 4 7.56 -11.63 -5.67
CA GLY B 4 7.78 -12.32 -4.41
C GLY B 4 6.74 -12.00 -3.36
N GLU B 5 6.42 -12.98 -2.52
CA GLU B 5 5.44 -12.81 -1.46
C GLU B 5 5.90 -11.82 -0.38
N PHE B 6 7.21 -11.78 -0.11
CA PHE B 6 7.72 -11.01 1.02
C PHE B 6 8.53 -9.77 0.67
N MET B 7 8.60 -8.84 1.63
CA MET B 7 9.41 -7.64 1.51
C MET B 7 10.83 -7.96 1.01
N VAL B 8 11.36 -7.08 0.18
CA VAL B 8 12.73 -7.20 -0.30
C VAL B 8 13.72 -6.66 0.73
N SER B 9 14.87 -7.32 0.88
CA SER B 9 15.95 -6.81 1.73
C SER B 9 16.95 -5.98 0.92
N LEU B 10 16.94 -4.68 1.16
CA LEU B 10 17.72 -3.74 0.36
C LEU B 10 19.16 -3.66 0.84
N PRO B 11 20.07 -3.26 -0.07
CA PRO B 11 21.45 -2.97 0.32
C PRO B 11 21.53 -1.57 0.94
N ARG B 12 22.69 -1.23 1.48
CA ARG B 12 22.92 0.14 1.91
C ARG B 12 22.66 1.09 0.74
N MET B 13 21.93 2.17 1.02
CA MET B 13 21.62 3.18 0.02
C MET B 13 21.67 4.53 0.74
N VAL B 14 22.22 5.53 0.09
CA VAL B 14 22.26 6.86 0.68
C VAL B 14 21.41 7.81 -0.17
N TYR B 15 20.46 8.48 0.47
CA TYR B 15 19.55 9.40 -0.23
C TYR B 15 19.00 10.38 0.80
N PRO B 16 18.37 11.47 0.34
CA PRO B 16 17.86 12.46 1.30
C PRO B 16 16.83 11.86 2.23
N GLN B 17 16.88 12.22 3.50
CA GLN B 17 15.94 11.70 4.48
C GLN B 17 14.54 12.23 4.20
N PRO B 18 13.52 11.37 4.32
CA PRO B 18 12.17 11.94 4.25
C PRO B 18 11.89 12.85 5.45
N LYS B 19 11.13 13.92 5.22
CA LYS B 19 10.84 14.91 6.25
C LYS B 19 9.40 14.81 6.73
N VAL B 20 9.21 14.29 7.94
CA VAL B 20 7.87 14.07 8.49
C VAL B 20 7.04 15.35 8.57
N LEU B 21 7.69 16.48 8.88
CA LEU B 21 6.97 17.72 9.09
C LEU B 21 6.94 18.61 7.85
N THR B 22 7.26 18.01 6.70
CA THR B 22 7.10 18.68 5.41
C THR B 22 6.25 17.82 4.45
N PRO B 23 5.06 18.30 4.10
CA PRO B 23 4.26 17.53 3.12
C PRO B 23 5.01 17.42 1.80
N CYS B 24 4.82 16.32 1.07
CA CYS B 24 5.53 16.14 -0.19
C CYS B 24 4.88 16.97 -1.29
N ARG B 25 3.58 17.22 -1.14
CA ARG B 25 2.87 18.14 -2.02
C ARG B 25 1.85 18.85 -1.13
N LYS B 26 1.74 20.16 -1.29
CA LYS B 26 0.77 20.93 -0.53
C LYS B 26 -0.38 21.36 -1.43
N ASP B 27 -0.32 20.96 -2.69
CA ASP B 27 -1.28 21.42 -3.68
C ASP B 27 -2.25 20.34 -4.15
N VAL B 28 -1.92 19.08 -3.87
CA VAL B 28 -2.71 17.95 -4.37
C VAL B 28 -2.86 16.85 -3.31
N LEU B 29 -3.86 16.00 -3.52
CA LEU B 29 -4.07 14.81 -2.70
C LEU B 29 -3.09 13.70 -3.10
N VAL B 30 -2.31 13.19 -2.15
CA VAL B 30 -1.30 12.17 -2.51
C VAL B 30 -1.62 10.77 -1.99
N VAL B 31 -2.75 10.61 -1.32
CA VAL B 31 -3.20 9.29 -0.87
C VAL B 31 -4.72 9.26 -0.89
N THR B 32 -5.30 8.16 -1.36
CA THR B 32 -6.75 8.04 -1.40
C THR B 32 -7.30 7.78 0.02
N PRO B 33 -8.63 7.93 0.21
CA PRO B 33 -9.23 7.62 1.52
C PRO B 33 -9.11 6.14 1.91
N TRP B 34 -8.77 5.27 0.96
CA TRP B 34 -8.50 3.84 1.27
C TRP B 34 -7.00 3.55 1.33
N LEU B 35 -6.24 4.62 1.49
CA LEU B 35 -4.80 4.57 1.72
C LEU B 35 -3.99 4.01 0.56
N ALA B 36 -4.44 4.31 -0.66
CA ALA B 36 -3.64 4.00 -1.83
C ALA B 36 -2.91 5.27 -2.25
N PRO B 37 -1.63 5.15 -2.60
CA PRO B 37 -0.92 6.33 -3.10
C PRO B 37 -1.51 6.83 -4.41
N ILE B 38 -1.58 8.15 -4.55
CA ILE B 38 -1.84 8.80 -5.83
C ILE B 38 -0.50 9.33 -6.30
N VAL B 39 -0.07 8.84 -7.46
CA VAL B 39 1.30 9.01 -7.89
C VAL B 39 1.54 10.32 -8.63
N TRP B 40 2.23 11.24 -7.95
CA TRP B 40 2.62 12.52 -8.52
C TRP B 40 4.12 12.68 -8.37
N GLU B 41 4.72 13.49 -9.23
CA GLU B 41 6.13 13.84 -9.06
C GLU B 41 6.30 14.47 -7.68
N GLY B 42 7.35 14.06 -6.97
CA GLY B 42 7.60 14.55 -5.62
C GLY B 42 7.14 13.60 -4.52
N THR B 43 6.38 12.56 -4.88
CA THR B 43 5.92 11.60 -3.89
C THR B 43 6.85 10.39 -3.72
N PHE B 44 7.67 10.10 -4.73
CA PHE B 44 8.53 8.90 -4.69
C PHE B 44 10.00 9.14 -4.94
N ASN B 45 10.83 8.30 -4.31
CA ASN B 45 12.25 8.24 -4.62
C ASN B 45 12.44 7.05 -5.55
N ILE B 46 12.70 7.33 -6.82
CA ILE B 46 12.75 6.28 -7.83
C ILE B 46 13.91 5.30 -7.62
N ASP B 47 14.98 5.77 -7.00
CA ASP B 47 16.13 4.87 -6.74
C ASP B 47 15.75 3.76 -5.77
N ILE B 48 15.02 4.10 -4.71
CA ILE B 48 14.56 3.09 -3.76
C ILE B 48 13.62 2.10 -4.46
N LEU B 49 12.64 2.63 -5.17
CA LEU B 49 11.67 1.76 -5.87
C LEU B 49 12.35 0.87 -6.91
N ASN B 50 13.26 1.45 -7.69
CA ASN B 50 14.01 0.68 -8.70
C ASN B 50 14.72 -0.51 -8.07
N GLU B 51 15.38 -0.28 -6.94
CA GLU B 51 16.10 -1.36 -6.29
C GLU B 51 15.12 -2.42 -5.78
N GLN B 52 14.01 -1.98 -5.19
CA GLN B 52 13.01 -2.93 -4.70
C GLN B 52 12.52 -3.85 -5.82
N PHE B 53 12.15 -3.27 -6.95
CA PHE B 53 11.67 -4.05 -8.09
C PHE B 53 12.76 -4.84 -8.82
N ARG B 54 13.96 -4.28 -8.90
CA ARG B 54 15.06 -5.01 -9.55
C ARG B 54 15.34 -6.31 -8.81
N LEU B 55 15.27 -6.27 -7.50
CA LEU B 55 15.58 -7.44 -6.68
C LEU B 55 14.61 -8.59 -6.91
N GLN B 56 13.44 -8.30 -7.46
CA GLN B 56 12.46 -9.33 -7.76
C GLN B 56 12.50 -9.73 -9.24
N ASN B 57 13.42 -9.12 -9.98
CA ASN B 57 13.50 -9.36 -11.42
C ASN B 57 12.15 -9.15 -12.07
N THR B 58 11.65 -7.92 -11.96
CA THR B 58 10.32 -7.57 -12.44
C THR B 58 10.22 -7.51 -13.96
N THR B 59 9.23 -8.19 -14.52
CA THR B 59 8.93 -8.13 -15.96
C THR B 59 7.58 -7.49 -16.20
N ILE B 60 7.55 -6.48 -17.05
CA ILE B 60 6.34 -5.72 -17.31
C ILE B 60 5.91 -5.91 -18.75
N GLY B 61 4.66 -6.34 -18.95
CA GLY B 61 4.11 -6.38 -20.28
C GLY B 61 3.37 -5.09 -20.60
N LEU B 62 3.39 -4.71 -21.88
CA LEU B 62 2.71 -3.48 -22.32
C LEU B 62 1.91 -3.82 -23.56
N THR B 63 0.59 -3.69 -23.51
CA THR B 63 -0.22 -3.98 -24.69
C THR B 63 -0.68 -2.71 -25.40
N VAL B 64 -0.71 -2.76 -26.73
CA VAL B 64 -1.31 -1.71 -27.54
C VAL B 64 -2.06 -2.35 -28.70
N PHE B 65 -3.14 -1.70 -29.13
CA PHE B 65 -3.85 -2.13 -30.33
C PHE B 65 -3.58 -1.16 -31.45
N ALA B 66 -3.00 -1.66 -32.53
CA ALA B 66 -2.72 -0.84 -33.71
C ALA B 66 -3.43 -1.45 -34.91
N ILE B 67 -4.68 -1.05 -35.11
CA ILE B 67 -5.49 -1.52 -36.22
C ILE B 67 -5.63 -0.44 -37.29
N LYS B 68 -5.76 -0.87 -38.55
CA LYS B 68 -5.97 0.06 -39.65
C LYS B 68 -4.90 1.14 -39.70
N LYS B 69 -5.32 2.39 -39.81
CA LYS B 69 -4.38 3.50 -39.96
C LYS B 69 -3.53 3.70 -38.71
N TYR B 70 -3.96 3.14 -37.59
CA TYR B 70 -3.27 3.33 -36.32
C TYR B 70 -1.88 2.69 -36.25
N VAL B 71 -1.57 1.80 -37.18
CA VAL B 71 -0.22 1.23 -37.23
C VAL B 71 0.80 2.35 -37.42
N ALA B 72 0.32 3.49 -37.93
CA ALA B 72 1.20 4.63 -38.20
C ALA B 72 1.82 5.24 -36.94
N PHE B 73 1.19 4.98 -35.79
CA PHE B 73 1.66 5.52 -34.51
C PHE B 73 2.71 4.64 -33.84
N LEU B 74 2.87 3.41 -34.33
CA LEU B 74 3.74 2.45 -33.66
C LEU B 74 5.19 2.90 -33.51
N LYS B 75 5.77 3.44 -34.59
CA LYS B 75 7.19 3.77 -34.53
C LYS B 75 7.51 4.77 -33.42
N LEU B 76 6.73 5.84 -33.32
CA LEU B 76 6.97 6.87 -32.32
C LEU B 76 6.67 6.31 -30.93
N PHE B 77 5.60 5.53 -30.84
CA PHE B 77 5.23 4.94 -29.58
C PHE B 77 6.37 4.06 -29.04
N LEU B 78 6.91 3.20 -29.90
CA LEU B 78 7.94 2.26 -29.47
C LEU B 78 9.29 2.91 -29.22
N GLU B 79 9.68 3.85 -30.08
CA GLU B 79 10.94 4.56 -29.87
C GLU B 79 10.92 5.35 -28.57
N THR B 80 9.79 5.95 -28.25
CA THR B 80 9.74 6.76 -27.03
C THR B 80 9.60 5.87 -25.79
N ALA B 81 8.92 4.74 -25.94
CA ALA B 81 8.86 3.74 -24.86
C ALA B 81 10.27 3.23 -24.50
N GLU B 82 11.11 3.03 -25.52
CA GLU B 82 12.49 2.61 -25.26
C GLU B 82 13.24 3.63 -24.43
N LYS B 83 12.88 4.90 -24.61
CA LYS B 83 13.56 5.98 -23.91
C LYS B 83 13.03 6.22 -22.49
N HIS B 84 11.76 5.88 -22.25
CA HIS B 84 11.10 6.34 -21.02
C HIS B 84 10.29 5.31 -20.23
N PHE B 85 10.00 4.16 -20.82
CA PHE B 85 9.11 3.20 -20.16
C PHE B 85 9.90 2.09 -19.48
N MET B 86 9.82 2.03 -18.15
CA MET B 86 10.44 0.95 -17.39
C MET B 86 11.91 0.73 -17.77
N VAL B 87 12.62 1.80 -18.10
CA VAL B 87 14.04 1.65 -18.45
C VAL B 87 14.83 1.06 -17.28
N GLY B 88 15.61 0.03 -17.58
CA GLY B 88 16.37 -0.68 -16.55
C GLY B 88 15.69 -1.97 -16.11
N HIS B 89 14.46 -2.17 -16.59
CA HIS B 89 13.70 -3.36 -16.24
C HIS B 89 13.32 -4.17 -17.48
N ARG B 90 12.87 -5.41 -17.28
CA ARG B 90 12.45 -6.26 -18.39
C ARG B 90 11.08 -5.88 -18.89
N VAL B 91 10.94 -5.76 -20.20
CA VAL B 91 9.68 -5.33 -20.80
C VAL B 91 9.34 -6.24 -21.97
N HIS B 92 8.07 -6.63 -22.04
CA HIS B 92 7.58 -7.38 -23.18
C HIS B 92 6.43 -6.60 -23.81
N TYR B 93 6.66 -6.05 -25.01
CA TYR B 93 5.61 -5.34 -25.74
C TYR B 93 4.70 -6.32 -26.45
N TYR B 94 3.38 -6.11 -26.36
CA TYR B 94 2.46 -6.92 -27.12
C TYR B 94 1.69 -6.04 -28.09
N VAL B 95 1.99 -6.15 -29.37
CA VAL B 95 1.31 -5.34 -30.38
C VAL B 95 0.21 -6.13 -31.06
N PHE B 96 -1.03 -5.79 -30.77
CA PHE B 96 -2.19 -6.37 -31.46
C PHE B 96 -2.39 -5.61 -32.77
N THR B 97 -2.34 -6.30 -33.89
CA THR B 97 -2.51 -5.60 -35.15
C THR B 97 -3.10 -6.48 -36.24
N ASP B 98 -3.73 -5.85 -37.22
CA ASP B 98 -4.24 -6.53 -38.40
C ASP B 98 -3.23 -6.44 -39.54
N GLN B 99 -2.10 -5.79 -39.30
CA GLN B 99 -1.09 -5.62 -40.34
C GLN B 99 0.33 -5.88 -39.83
N PRO B 100 0.65 -7.14 -39.53
CA PRO B 100 1.97 -7.49 -38.99
C PRO B 100 3.13 -6.93 -39.81
N ALA B 101 2.99 -6.91 -41.12
CA ALA B 101 4.06 -6.43 -42.00
C ALA B 101 4.27 -4.93 -41.89
N ALA B 102 3.30 -4.23 -41.32
CA ALA B 102 3.40 -2.78 -41.17
C ALA B 102 4.06 -2.40 -39.84
N VAL B 103 4.32 -3.39 -38.99
CA VAL B 103 4.99 -3.11 -37.71
C VAL B 103 6.43 -2.72 -37.94
N PRO B 104 6.82 -1.52 -37.48
CA PRO B 104 8.15 -0.96 -37.74
C PRO B 104 9.26 -1.72 -37.03
N ARG B 105 10.43 -1.76 -37.65
CA ARG B 105 11.61 -2.33 -37.02
C ARG B 105 12.20 -1.29 -36.08
N VAL B 106 12.23 -1.62 -34.80
CA VAL B 106 12.78 -0.71 -33.81
C VAL B 106 13.81 -1.46 -32.97
N THR B 107 14.94 -0.83 -32.70
CA THR B 107 15.96 -1.46 -31.87
C THR B 107 15.53 -1.45 -30.41
N LEU B 108 15.60 -2.61 -29.76
CA LEU B 108 15.16 -2.73 -28.39
C LEU B 108 16.35 -2.96 -27.45
N GLY B 109 16.28 -2.37 -26.25
CA GLY B 109 17.32 -2.56 -25.27
C GLY B 109 17.38 -3.98 -24.74
N THR B 110 18.46 -4.29 -24.03
CA THR B 110 18.60 -5.60 -23.42
CA THR B 110 18.62 -5.60 -23.40
C THR B 110 17.46 -5.90 -22.45
N GLY B 111 16.97 -7.14 -22.48
CA GLY B 111 15.89 -7.57 -21.60
C GLY B 111 14.54 -7.05 -22.06
N ARG B 112 14.48 -6.48 -23.26
CA ARG B 112 13.22 -5.99 -23.80
C ARG B 112 12.87 -6.72 -25.08
N GLN B 113 11.61 -7.07 -25.26
CA GLN B 113 11.22 -7.82 -26.46
C GLN B 113 9.84 -7.46 -26.94
N LEU B 114 9.55 -7.79 -28.19
CA LEU B 114 8.27 -7.44 -28.79
C LEU B 114 7.64 -8.62 -29.50
N SER B 115 6.37 -8.85 -29.22
CA SER B 115 5.59 -9.89 -29.90
C SER B 115 4.45 -9.24 -30.65
N VAL B 116 4.21 -9.72 -31.87
CA VAL B 116 3.10 -9.24 -32.67
C VAL B 116 1.95 -10.23 -32.60
N LEU B 117 0.77 -9.74 -32.24
CA LEU B 117 -0.40 -10.58 -32.13
C LEU B 117 -1.39 -10.23 -33.23
N GLU B 118 -1.57 -11.14 -34.18
CA GLU B 118 -2.44 -10.93 -35.32
C GLU B 118 -3.90 -11.00 -34.95
N VAL B 119 -4.68 -10.00 -35.35
CA VAL B 119 -6.11 -10.01 -35.10
C VAL B 119 -6.89 -10.38 -36.35
N VAL B 128 -16.08 -2.95 -30.59
CA VAL B 128 -14.63 -2.89 -30.77
C VAL B 128 -13.90 -2.73 -29.44
N SER B 129 -14.44 -1.89 -28.57
CA SER B 129 -13.90 -1.74 -27.22
C SER B 129 -14.23 -3.00 -26.41
N MET B 130 -15.40 -3.57 -26.70
CA MET B 130 -15.81 -4.82 -26.07
C MET B 130 -14.79 -5.88 -26.42
N ARG B 131 -14.39 -5.87 -27.68
CA ARG B 131 -13.41 -6.81 -28.19
C ARG B 131 -12.04 -6.60 -27.55
N ARG B 132 -11.62 -5.35 -27.36
CA ARG B 132 -10.32 -5.11 -26.74
C ARG B 132 -10.26 -5.72 -25.33
N MET B 133 -11.30 -5.53 -24.55
CA MET B 133 -11.37 -6.12 -23.21
C MET B 133 -11.34 -7.65 -23.32
N GLU B 134 -12.16 -8.20 -24.20
CA GLU B 134 -12.17 -9.64 -24.41
C GLU B 134 -10.80 -10.17 -24.83
N MET B 135 -10.18 -9.48 -25.78
CA MET B 135 -8.89 -9.94 -26.30
C MET B 135 -7.79 -9.88 -25.26
N ILE B 136 -7.75 -8.81 -24.48
CA ILE B 136 -6.74 -8.72 -23.42
C ILE B 136 -6.92 -9.88 -22.45
N SER B 137 -8.15 -10.10 -22.01
CA SER B 137 -8.45 -11.17 -21.08
C SER B 137 -8.07 -12.54 -21.66
N ASP B 138 -8.44 -12.78 -22.91
CA ASP B 138 -8.14 -14.03 -23.58
C ASP B 138 -6.63 -14.27 -23.65
N PHE B 139 -5.87 -13.23 -24.01
CA PHE B 139 -4.43 -13.41 -24.13
C PHE B 139 -3.71 -13.46 -22.77
N CYS B 140 -4.35 -12.93 -21.73
CA CYS B 140 -3.85 -13.14 -20.38
C CYS B 140 -3.84 -14.64 -20.10
N GLU B 141 -4.96 -15.30 -20.37
CA GLU B 141 -5.06 -16.74 -20.15
C GLU B 141 -4.15 -17.54 -21.05
N ARG B 142 -4.07 -17.14 -22.31
CA ARG B 142 -3.25 -17.87 -23.28
C ARG B 142 -1.75 -17.71 -23.03
N ARG B 143 -1.31 -16.52 -22.63
CA ARG B 143 0.13 -16.31 -22.50
C ARG B 143 0.64 -15.25 -21.50
N PHE B 144 -0.07 -14.14 -21.31
CA PHE B 144 0.51 -13.10 -20.44
C PHE B 144 0.75 -13.60 -19.02
N LEU B 145 -0.13 -14.46 -18.52
CA LEU B 145 0.02 -14.98 -17.17
C LEU B 145 1.37 -15.66 -16.93
N SER B 146 1.90 -16.34 -17.93
CA SER B 146 3.18 -17.03 -17.76
CA SER B 146 3.17 -17.05 -17.81
C SER B 146 4.37 -16.19 -18.20
N GLU B 147 4.12 -15.11 -18.92
CA GLU B 147 5.21 -14.35 -19.53
C GLU B 147 5.63 -13.07 -18.82
N VAL B 148 4.72 -12.45 -18.07
CA VAL B 148 5.05 -11.20 -17.40
C VAL B 148 4.43 -11.18 -16.00
N ASP B 149 4.89 -10.24 -15.18
CA ASP B 149 4.41 -10.14 -13.80
C ASP B 149 3.31 -9.09 -13.71
N TYR B 150 3.52 -7.96 -14.39
CA TYR B 150 2.52 -6.89 -14.41
C TYR B 150 2.16 -6.63 -15.87
N LEU B 151 0.93 -6.18 -16.09
CA LEU B 151 0.51 -5.87 -17.44
C LEU B 151 -0.03 -4.45 -17.43
N VAL B 152 0.41 -3.66 -18.41
CA VAL B 152 -0.01 -2.27 -18.54
C VAL B 152 -0.69 -2.16 -19.89
N CYS B 153 -1.87 -1.56 -19.92
CA CYS B 153 -2.63 -1.48 -21.17
C CYS B 153 -2.87 -0.03 -21.58
N VAL B 154 -2.44 0.35 -22.79
CA VAL B 154 -2.52 1.73 -23.22
C VAL B 154 -2.97 1.87 -24.67
N ASP B 155 -3.27 3.12 -25.04
CA ASP B 155 -3.56 3.47 -26.44
C ASP B 155 -2.27 3.69 -27.21
N VAL B 156 -2.32 3.43 -28.52
CA VAL B 156 -1.12 3.51 -29.34
C VAL B 156 -0.84 4.93 -29.85
N ASP B 157 -1.86 5.77 -29.92
CA ASP B 157 -1.69 7.11 -30.49
C ASP B 157 -1.15 8.06 -29.44
N MET B 158 0.04 7.75 -28.96
CA MET B 158 0.63 8.38 -27.79
C MET B 158 2.15 8.36 -27.91
N GLU B 159 2.81 9.17 -27.11
CA GLU B 159 4.26 9.13 -26.99
C GLU B 159 4.68 9.36 -25.55
N PHE B 160 5.73 8.69 -25.13
CA PHE B 160 6.29 8.94 -23.81
C PHE B 160 7.19 10.19 -23.89
N ARG B 161 6.91 11.19 -23.07
CA ARG B 161 7.75 12.41 -23.04
CA ARG B 161 7.72 12.42 -23.03
C ARG B 161 8.67 12.43 -21.84
N ASP B 162 8.38 11.57 -20.86
CA ASP B 162 9.14 11.56 -19.62
C ASP B 162 8.97 10.23 -18.92
N HIS B 163 9.70 10.05 -17.82
CA HIS B 163 9.75 8.81 -17.07
C HIS B 163 8.37 8.22 -16.75
N VAL B 164 8.16 6.96 -17.13
CA VAL B 164 7.03 6.15 -16.64
C VAL B 164 7.63 4.82 -16.19
N GLY B 165 7.73 4.62 -14.88
CA GLY B 165 8.50 3.50 -14.36
C GLY B 165 7.79 2.72 -13.27
N VAL B 166 8.59 2.07 -12.42
CA VAL B 166 8.05 1.08 -11.49
C VAL B 166 7.18 1.69 -10.41
N GLU B 167 7.22 3.00 -10.28
CA GLU B 167 6.33 3.70 -9.35
C GLU B 167 4.85 3.39 -9.61
N ILE B 168 4.51 2.99 -10.83
CA ILE B 168 3.10 2.73 -11.13
C ILE B 168 2.69 1.31 -10.78
N LEU B 169 3.66 0.41 -10.60
CA LEU B 169 3.33 -1.01 -10.47
C LEU B 169 2.73 -1.36 -9.10
N THR B 170 1.73 -2.23 -9.11
CA THR B 170 0.90 -2.49 -7.94
C THR B 170 -0.14 -3.51 -8.43
N PRO B 171 -0.89 -4.12 -7.50
CA PRO B 171 -1.87 -5.11 -7.98
C PRO B 171 -2.89 -4.58 -9.00
N LEU B 172 -3.36 -3.35 -8.82
CA LEU B 172 -4.36 -2.80 -9.74
C LEU B 172 -4.31 -1.28 -9.70
N PHE B 173 -4.13 -0.65 -10.86
CA PHE B 173 -4.12 0.80 -10.90
C PHE B 173 -4.99 1.36 -12.01
N GLY B 174 -5.55 2.54 -11.75
CA GLY B 174 -6.24 3.31 -12.77
C GLY B 174 -5.58 4.68 -12.84
N THR B 175 -5.91 5.43 -13.88
CA THR B 175 -5.28 6.73 -14.14
C THR B 175 -6.35 7.80 -14.18
N LEU B 176 -6.15 8.92 -13.51
CA LEU B 176 -7.12 10.02 -13.53
C LEU B 176 -7.27 10.61 -14.93
N HIS B 177 -8.50 10.61 -15.46
CA HIS B 177 -8.82 11.22 -16.74
C HIS B 177 -8.52 12.73 -16.68
N PRO B 178 -7.80 13.24 -17.70
CA PRO B 178 -7.37 14.65 -17.63
C PRO B 178 -8.52 15.66 -17.65
N SER B 179 -9.70 15.28 -18.15
CA SER B 179 -10.84 16.20 -18.18
C SER B 179 -11.55 16.36 -16.83
N PHE B 180 -11.35 15.43 -15.91
CA PHE B 180 -12.19 15.38 -14.71
C PHE B 180 -11.46 15.40 -13.39
N TYR B 181 -10.13 15.52 -13.39
CA TYR B 181 -9.40 15.32 -12.13
C TYR B 181 -9.78 16.35 -11.08
N GLY B 182 -10.26 17.50 -11.52
CA GLY B 182 -10.66 18.56 -10.61
C GLY B 182 -12.16 18.73 -10.51
N SER B 183 -12.91 17.73 -10.98
CA SER B 183 -14.37 17.85 -11.02
C SER B 183 -15.04 17.11 -9.88
N SER B 184 -16.25 17.56 -9.53
CA SER B 184 -17.04 16.88 -8.52
C SER B 184 -17.67 15.65 -9.15
N ARG B 185 -17.99 14.65 -8.33
CA ARG B 185 -18.45 13.35 -8.85
C ARG B 185 -19.70 13.48 -9.72
N GLU B 186 -20.52 14.50 -9.44
CA GLU B 186 -21.75 14.69 -10.19
C GLU B 186 -21.47 15.00 -11.65
N ALA B 187 -20.28 15.54 -11.91
CA ALA B 187 -19.89 15.94 -13.27
C ALA B 187 -19.22 14.80 -14.05
N PHE B 188 -18.78 13.77 -13.36
CA PHE B 188 -18.13 12.64 -14.02
C PHE B 188 -19.13 12.03 -15.00
N THR B 189 -18.63 11.64 -16.17
CA THR B 189 -19.48 11.05 -17.22
C THR B 189 -19.62 9.52 -17.11
N TYR B 190 -19.87 9.05 -15.89
CA TYR B 190 -20.22 7.64 -15.67
C TYR B 190 -21.51 7.30 -16.43
N GLU B 191 -21.71 6.02 -16.72
CA GLU B 191 -23.00 5.54 -17.18
C GLU B 191 -24.03 5.71 -16.05
N ARG B 192 -25.17 6.32 -16.34
CA ARG B 192 -26.14 6.67 -15.31
C ARG B 192 -27.49 5.94 -15.39
N ARG B 193 -27.67 5.02 -16.35
CA ARG B 193 -28.90 4.21 -16.39
C ARG B 193 -28.78 3.01 -15.45
N PRO B 194 -29.74 2.83 -14.54
CA PRO B 194 -29.72 1.67 -13.64
C PRO B 194 -29.78 0.33 -14.37
N GLN B 195 -30.32 0.33 -15.59
CA GLN B 195 -30.37 -0.89 -16.40
C GLN B 195 -28.98 -1.40 -16.83
N SER B 196 -28.00 -0.51 -16.87
CA SER B 196 -26.67 -0.89 -17.31
C SER B 196 -25.83 -1.49 -16.18
N GLN B 197 -25.07 -2.53 -16.50
CA GLN B 197 -24.12 -3.11 -15.54
C GLN B 197 -23.08 -2.07 -15.08
N ALA B 198 -22.87 -1.04 -15.90
CA ALA B 198 -21.89 0.01 -15.59
C ALA B 198 -22.44 1.16 -14.74
N TYR B 199 -23.70 1.04 -14.31
CA TYR B 199 -24.38 2.09 -13.58
C TYR B 199 -23.64 2.59 -12.34
N ILE B 200 -23.46 3.90 -12.25
CA ILE B 200 -23.04 4.56 -11.00
C ILE B 200 -23.93 5.78 -10.77
N PRO B 201 -24.64 5.84 -9.63
CA PRO B 201 -25.48 7.01 -9.36
C PRO B 201 -24.66 8.21 -8.94
N LYS B 202 -25.30 9.38 -8.89
CA LYS B 202 -24.56 10.62 -8.69
C LYS B 202 -24.02 10.83 -7.28
N ASP B 203 -24.39 9.95 -6.35
CA ASP B 203 -23.81 10.05 -5.00
C ASP B 203 -22.69 9.04 -4.74
N GLU B 204 -22.25 8.36 -5.80
CA GLU B 204 -21.10 7.46 -5.71
C GLU B 204 -19.99 7.86 -6.67
N GLY B 205 -18.80 7.36 -6.42
CA GLY B 205 -17.67 7.62 -7.29
C GLY B 205 -16.53 8.30 -6.55
N ASP B 206 -15.32 7.80 -6.77
CA ASP B 206 -14.13 8.41 -6.20
C ASP B 206 -13.50 9.33 -7.23
N PHE B 207 -13.22 8.77 -8.41
CA PHE B 207 -12.53 9.48 -9.47
C PHE B 207 -13.10 9.04 -10.80
N TYR B 208 -12.82 9.80 -11.85
CA TYR B 208 -13.14 9.32 -13.20
C TYR B 208 -11.84 8.86 -13.85
N TYR B 209 -11.72 7.56 -14.08
CA TYR B 209 -10.49 6.98 -14.62
C TYR B 209 -10.55 6.91 -16.15
N MET B 210 -9.43 7.11 -16.83
CA MET B 210 -9.46 7.02 -18.30
C MET B 210 -9.20 5.61 -18.79
N GLY B 211 -9.96 5.20 -19.80
CA GLY B 211 -9.83 3.88 -20.36
C GLY B 211 -8.51 3.65 -21.07
N ALA B 212 -7.75 4.71 -21.30
CA ALA B 212 -6.54 4.62 -22.13
C ALA B 212 -5.24 4.24 -21.39
N PHE B 213 -5.31 4.01 -20.08
CA PHE B 213 -4.11 3.67 -19.30
C PHE B 213 -4.53 3.02 -17.98
N PHE B 214 -4.49 1.69 -17.94
CA PHE B 214 -4.72 0.97 -16.69
C PHE B 214 -3.79 -0.25 -16.65
N GLY B 215 -3.71 -0.91 -15.51
CA GLY B 215 -2.85 -2.08 -15.40
C GLY B 215 -2.80 -2.64 -13.99
N GLY B 216 -1.79 -3.47 -13.74
CA GLY B 216 -1.69 -4.11 -12.43
C GLY B 216 -1.01 -5.45 -12.58
N SER B 217 -1.15 -6.34 -11.61
CA SER B 217 -0.63 -7.69 -11.80
C SER B 217 -1.41 -8.32 -12.95
N VAL B 218 -0.81 -9.28 -13.65
CA VAL B 218 -1.51 -9.90 -14.78
C VAL B 218 -2.84 -10.49 -14.31
N GLN B 219 -2.86 -11.11 -13.14
CA GLN B 219 -4.12 -11.72 -12.72
C GLN B 219 -5.22 -10.69 -12.45
N GLU B 220 -4.88 -9.55 -11.87
CA GLU B 220 -5.90 -8.54 -11.61
C GLU B 220 -6.36 -7.89 -12.92
N VAL B 221 -5.45 -7.78 -13.89
CA VAL B 221 -5.84 -7.21 -15.17
C VAL B 221 -6.75 -8.17 -15.93
N GLN B 222 -6.43 -9.46 -15.90
CA GLN B 222 -7.31 -10.47 -16.47
C GLN B 222 -8.73 -10.38 -15.89
N ARG B 223 -8.81 -10.24 -14.58
CA ARG B 223 -10.09 -10.18 -13.88
CA ARG B 223 -10.08 -10.18 -13.86
C ARG B 223 -10.90 -8.94 -14.25
N LEU B 224 -10.23 -7.80 -14.30
CA LEU B 224 -10.89 -6.55 -14.69
C LEU B 224 -11.42 -6.64 -16.13
N THR B 225 -10.58 -7.12 -17.05
CA THR B 225 -10.94 -7.11 -18.46
C THR B 225 -12.02 -8.14 -18.76
N ARG B 226 -11.96 -9.28 -18.10
CA ARG B 226 -13.02 -10.27 -18.25
C ARG B 226 -14.35 -9.74 -17.69
N ALA B 227 -14.31 -9.11 -16.53
CA ALA B 227 -15.53 -8.58 -15.92
C ALA B 227 -16.17 -7.50 -16.79
N CYS B 228 -15.35 -6.64 -17.38
CA CYS B 228 -15.85 -5.60 -18.26
C CYS B 228 -16.47 -6.20 -19.52
N HIS B 229 -15.82 -7.22 -20.07
CA HIS B 229 -16.35 -7.88 -21.26
C HIS B 229 -17.69 -8.54 -20.97
N GLN B 230 -17.77 -9.24 -19.85
CA GLN B 230 -19.02 -9.93 -19.50
C GLN B 230 -20.15 -8.94 -19.26
N ALA B 231 -19.83 -7.82 -18.61
CA ALA B 231 -20.82 -6.76 -18.37
C ALA B 231 -21.29 -6.14 -19.68
N MET B 232 -20.36 -5.93 -20.62
CA MET B 232 -20.75 -5.38 -21.91
C MET B 232 -21.67 -6.33 -22.68
N MET B 233 -21.46 -7.63 -22.50
CA MET B 233 -22.27 -8.63 -23.19
CA MET B 233 -22.28 -8.63 -23.19
C MET B 233 -23.71 -8.66 -22.68
N VAL B 234 -23.89 -8.56 -21.36
CA VAL B 234 -25.23 -8.56 -20.79
CA VAL B 234 -25.25 -8.58 -20.83
C VAL B 234 -25.95 -7.25 -21.13
N ASP B 235 -25.21 -6.14 -21.07
CA ASP B 235 -25.77 -4.86 -21.53
C ASP B 235 -26.28 -4.99 -22.96
N GLN B 236 -25.46 -5.57 -23.84
CA GLN B 236 -25.85 -5.74 -25.24
C GLN B 236 -27.14 -6.55 -25.38
N ALA B 237 -27.25 -7.64 -24.61
CA ALA B 237 -28.46 -8.47 -24.65
C ALA B 237 -29.69 -7.64 -24.29
N ASN B 238 -29.51 -6.62 -23.45
CA ASN B 238 -30.59 -5.74 -23.04
C ASN B 238 -30.76 -4.50 -23.92
N GLY B 239 -30.07 -4.48 -25.06
CA GLY B 239 -30.14 -3.35 -25.98
C GLY B 239 -29.45 -2.10 -25.50
N ILE B 240 -28.43 -2.28 -24.66
CA ILE B 240 -27.78 -1.16 -23.98
C ILE B 240 -26.32 -1.06 -24.37
N GLU B 241 -25.87 0.15 -24.67
CA GLU B 241 -24.43 0.38 -24.82
C GLU B 241 -24.06 1.53 -23.89
N ALA B 242 -23.17 1.27 -22.94
CA ALA B 242 -22.77 2.29 -21.96
C ALA B 242 -22.24 3.54 -22.63
N VAL B 243 -22.53 4.71 -22.05
CA VAL B 243 -22.22 5.99 -22.69
C VAL B 243 -20.79 6.12 -23.22
N TRP B 244 -19.82 5.66 -22.44
CA TRP B 244 -18.42 5.68 -22.90
C TRP B 244 -17.82 4.28 -22.99
N HIS B 245 -18.66 3.33 -23.39
CA HIS B 245 -18.21 1.99 -23.75
C HIS B 245 -17.35 1.37 -22.65
N ASP B 246 -16.19 0.82 -23.02
CA ASP B 246 -15.40 0.07 -22.04
C ASP B 246 -14.93 0.96 -20.90
N GLU B 247 -14.77 2.25 -21.17
CA GLU B 247 -14.36 3.18 -20.12
C GLU B 247 -15.43 3.29 -19.02
N SER B 248 -16.70 3.22 -19.39
CA SER B 248 -17.76 3.26 -18.38
C SER B 248 -17.68 2.05 -17.47
N HIS B 249 -17.39 0.90 -18.07
CA HIS B 249 -17.28 -0.35 -17.31
C HIS B 249 -16.02 -0.38 -16.45
N LEU B 250 -14.91 0.11 -17.00
CA LEU B 250 -13.68 0.24 -16.21
C LEU B 250 -13.96 1.07 -14.96
N ASN B 251 -14.68 2.16 -15.11
CA ASN B 251 -15.01 2.99 -13.96
C ASN B 251 -15.86 2.27 -12.91
N LYS B 252 -16.86 1.54 -13.36
CA LYS B 252 -17.68 0.75 -12.43
C LYS B 252 -16.83 -0.29 -11.70
N TYR B 253 -15.95 -0.97 -12.43
CA TYR B 253 -15.08 -1.98 -11.83
C TYR B 253 -14.18 -1.40 -10.73
N LEU B 254 -13.58 -0.24 -11.02
CA LEU B 254 -12.66 0.41 -10.08
C LEU B 254 -13.37 1.13 -8.92
N LEU B 255 -14.66 1.41 -9.09
CA LEU B 255 -15.44 1.95 -8.00
C LEU B 255 -15.61 0.85 -6.95
N ARG B 256 -15.92 -0.35 -7.41
CA ARG B 256 -16.19 -1.47 -6.50
CA ARG B 256 -16.20 -1.45 -6.48
C ARG B 256 -14.92 -2.18 -6.04
N HIS B 257 -13.90 -2.16 -6.89
CA HIS B 257 -12.61 -2.78 -6.54
C HIS B 257 -11.60 -1.65 -6.49
N LYS B 258 -11.35 -1.09 -5.30
CA LYS B 258 -10.50 0.10 -5.20
C LYS B 258 -9.08 -0.19 -5.67
N PRO B 259 -8.57 0.62 -6.60
CA PRO B 259 -7.17 0.42 -7.06
C PRO B 259 -6.15 0.63 -5.95
N THR B 260 -5.05 -0.11 -6.01
CA THR B 260 -4.04 -0.02 -4.96
C THR B 260 -3.03 1.11 -5.22
N LYS B 261 -3.04 1.65 -6.43
CA LYS B 261 -2.43 2.96 -6.72
C LYS B 261 -3.31 3.72 -7.71
N VAL B 262 -3.27 5.05 -7.67
CA VAL B 262 -3.95 5.86 -8.66
C VAL B 262 -2.91 6.77 -9.32
N LEU B 263 -2.86 6.78 -10.65
CA LEU B 263 -1.88 7.62 -11.34
C LEU B 263 -2.46 9.00 -11.60
N SER B 264 -1.67 10.04 -11.32
CA SER B 264 -2.12 11.41 -11.60
C SER B 264 -2.15 11.67 -13.11
N PRO B 265 -2.74 12.79 -13.53
CA PRO B 265 -2.81 13.08 -14.98
C PRO B 265 -1.44 13.33 -15.63
N GLU B 266 -0.38 13.40 -14.85
CA GLU B 266 0.97 13.40 -15.43
C GLU B 266 1.10 12.21 -16.39
N TYR B 267 0.38 11.14 -16.08
CA TYR B 267 0.53 9.88 -16.80
C TYR B 267 -0.35 9.76 -18.02
N LEU B 268 -1.24 10.72 -18.24
CA LEU B 268 -2.13 10.69 -19.40
CA LEU B 268 -2.13 10.69 -19.40
C LEU B 268 -2.62 12.10 -19.72
N TRP B 269 -1.97 12.75 -20.66
CA TRP B 269 -2.29 14.14 -20.93
C TRP B 269 -2.38 14.47 -22.42
N ASP B 270 -3.03 15.58 -22.75
CA ASP B 270 -3.07 16.07 -24.11
C ASP B 270 -2.82 17.56 -24.04
N GLN B 271 -1.60 17.96 -24.39
CA GLN B 271 -1.20 19.34 -24.21
C GLN B 271 -1.91 20.27 -25.19
N GLN B 272 -2.25 19.75 -26.36
CA GLN B 272 -2.92 20.57 -27.38
C GLN B 272 -4.32 20.96 -26.93
N LEU B 273 -4.98 20.02 -26.28
CA LEU B 273 -6.36 20.22 -25.88
C LEU B 273 -6.46 20.94 -24.54
N LEU B 274 -5.54 20.65 -23.62
CA LEU B 274 -5.73 21.06 -22.23
C LEU B 274 -4.61 21.93 -21.66
N GLY B 275 -3.63 22.26 -22.47
CA GLY B 275 -2.55 23.12 -22.02
C GLY B 275 -1.69 22.44 -20.96
N TRP B 276 -1.30 23.20 -19.95
CA TRP B 276 -0.36 22.71 -18.96
C TRP B 276 -0.56 23.37 -17.60
N PRO B 277 -1.47 22.81 -16.80
CA PRO B 277 -1.76 23.39 -15.48
C PRO B 277 -0.58 23.22 -14.53
N ALA B 278 -0.44 24.13 -13.58
CA ALA B 278 0.65 24.12 -12.61
C ALA B 278 0.77 22.83 -11.77
N VAL B 279 -0.34 22.15 -11.52
CA VAL B 279 -0.25 20.94 -10.70
C VAL B 279 0.55 19.83 -11.40
N LEU B 280 0.76 19.95 -12.70
CA LEU B 280 1.56 18.98 -13.44
C LEU B 280 3.01 19.41 -13.53
N ARG B 281 3.86 18.80 -12.70
CA ARG B 281 5.30 19.09 -12.74
C ARG B 281 5.96 18.37 -13.90
N LYS B 282 5.35 17.28 -14.34
CA LYS B 282 5.83 16.53 -15.49
CA LYS B 282 5.83 16.54 -15.50
C LYS B 282 4.67 16.12 -16.39
N LEU B 283 4.94 16.05 -17.69
CA LEU B 283 3.99 15.47 -18.64
C LEU B 283 4.68 14.23 -19.17
N ARG B 284 4.23 13.04 -18.76
CA ARG B 284 5.00 11.83 -19.01
C ARG B 284 4.55 11.09 -20.25
N PHE B 285 3.26 11.13 -20.53
CA PHE B 285 2.68 10.27 -21.55
C PHE B 285 1.53 11.06 -22.16
N THR B 286 1.68 11.43 -23.42
CA THR B 286 0.78 12.41 -24.01
C THR B 286 0.24 11.98 -25.37
N ALA B 287 -0.93 12.49 -25.70
CA ALA B 287 -1.53 12.25 -27.00
C ALA B 287 -0.63 12.83 -28.09
N VAL B 288 -0.61 12.17 -29.24
CA VAL B 288 0.09 12.69 -30.39
C VAL B 288 -0.96 13.25 -31.34
N PRO B 289 -0.78 14.50 -31.79
CA PRO B 289 -1.72 15.17 -32.71
C PRO B 289 -2.16 14.27 -33.86
#